data_4UEH
#
_entry.id   4UEH
#
_cell.length_a   70.421
_cell.length_b   71.512
_cell.length_c   72.465
_cell.angle_alpha   90.00
_cell.angle_beta   100.47
_cell.angle_gamma   90.00
#
_symmetry.space_group_name_H-M   'C 1 2 1'
#
loop_
_entity.id
_entity.type
_entity.pdbx_description
1 polymer 'THROMBIN HEAVY CHAIN'
2 polymer 'HIRUDIN VARIANT-2'
3 polymer 'THROMBIN LIGHT CHAIN'
4 non-polymer 2-acetamido-2-deoxy-beta-D-glucopyranose
5 non-polymer 'SODIUM ION'
6 non-polymer BENZAMIDINE
7 non-polymer 'PHOSPHATE ION'
8 non-polymer GLYCEROL
9 water water
#
loop_
_entity_poly.entity_id
_entity_poly.type
_entity_poly.pdbx_seq_one_letter_code
_entity_poly.pdbx_strand_id
1 'polypeptide(L)'
;IVEGSDAEIGMSPWQVMLFRKSPQELLCGASLISDRWVLTAAHCLLYPPWDKNFTENDLLVRIGKHSRTRYERNIEKISM
LEKIYIHPRYNWRENLDRDIALMKLKKPVAFSDYIHPVCLPDRETAASLLQAGYKGRVTGWGNLKETWTANVGKGQPSVL
QVVNLPIVERPVCKDSTRIRITDNMFCAGYKPDEGKRGDACEGDSGGPFVMKSPFNNRWYQMGIVSWGEGCDRDGKYGFY
THVFRLKKWIQKVIDQFG
;
H
2 'polypeptide(L)' GDFEEIPEE(TYS)LQ I
3 'polypeptide(L)' EADCGLRPLFEKKSLEDKTERELLESYID L
#
# COMPACT_ATOMS: atom_id res chain seq x y z
N ILE A 1 -0.87 -5.60 9.99
CA ILE A 1 -2.16 -4.96 10.22
C ILE A 1 -2.71 -5.39 11.56
N VAL A 2 -3.07 -4.43 12.38
CA VAL A 2 -3.66 -4.66 13.70
C VAL A 2 -5.17 -4.52 13.60
N GLU A 3 -5.87 -5.51 14.13
CA GLU A 3 -7.32 -5.50 14.24
C GLU A 3 -8.01 -5.52 12.88
N GLY A 4 -7.36 -6.17 11.91
CA GLY A 4 -7.96 -6.46 10.63
C GLY A 4 -8.46 -7.89 10.53
N SER A 5 -8.64 -8.34 9.30
CA SER A 5 -9.12 -9.69 9.03
CA SER A 5 -9.12 -9.69 9.04
C SER A 5 -8.39 -10.27 7.83
N ASP A 6 -8.52 -11.58 7.62
CA ASP A 6 -7.94 -12.22 6.47
C ASP A 6 -8.59 -11.65 5.21
N ALA A 7 -7.77 -11.33 4.23
CA ALA A 7 -8.27 -10.96 2.91
C ALA A 7 -8.99 -12.12 2.25
N GLU A 8 -9.98 -11.82 1.43
CA GLU A 8 -10.53 -12.77 0.48
C GLU A 8 -9.55 -13.04 -0.65
N ILE A 9 -9.67 -14.20 -1.28
CA ILE A 9 -8.86 -14.50 -2.45
C ILE A 9 -9.17 -13.50 -3.56
N GLY A 10 -8.13 -12.90 -4.10
CA GLY A 10 -8.24 -11.93 -5.17
C GLY A 10 -8.80 -10.58 -4.75
N MET A 11 -8.85 -10.30 -3.45
CA MET A 11 -9.44 -9.06 -2.97
C MET A 11 -8.59 -7.84 -3.27
N SER A 12 -7.28 -8.05 -3.31
CA SER A 12 -6.30 -6.98 -3.48
CA SER A 12 -6.31 -6.96 -3.51
C SER A 12 -5.24 -7.42 -4.50
N PRO A 13 -5.64 -7.55 -5.78
CA PRO A 13 -4.74 -8.23 -6.74
C PRO A 13 -3.56 -7.35 -7.18
N TRP A 14 -3.57 -6.10 -6.72
CA TRP A 14 -2.46 -5.17 -6.90
C TRP A 14 -1.45 -5.26 -5.74
N GLN A 15 -1.72 -6.04 -4.71
CA GLN A 15 -0.80 -6.17 -3.57
CA GLN A 15 -0.79 -6.07 -3.58
C GLN A 15 0.51 -6.75 -4.00
N VAL A 16 1.61 -6.17 -3.57
CA VAL A 16 2.94 -6.68 -3.86
C VAL A 16 3.68 -6.85 -2.55
N MET A 17 4.46 -7.93 -2.45
CA MET A 17 5.40 -8.13 -1.36
C MET A 17 6.80 -7.82 -1.82
N LEU A 18 7.47 -6.93 -1.12
N LEU A 18 7.48 -6.90 -1.12
CA LEU A 18 8.89 -6.76 -1.33
CA LEU A 18 8.90 -6.64 -1.33
C LEU A 18 9.60 -7.72 -0.44
C LEU A 18 9.65 -7.66 -0.44
N PHE A 19 10.46 -8.51 -1.06
CA PHE A 19 11.07 -9.68 -0.41
C PHE A 19 12.58 -9.57 -0.47
N ARG A 20 13.20 -9.61 0.70
CA ARG A 20 14.66 -9.59 0.78
C ARG A 20 15.20 -10.96 0.37
N LYS A 21 16.23 -10.98 -0.48
CA LYS A 21 16.80 -12.24 -0.93
C LYS A 21 17.56 -12.96 0.16
N SER A 22 18.34 -12.21 0.95
CA SER A 22 19.26 -12.82 1.90
C SER A 22 19.53 -11.86 3.05
N PRO A 23 19.04 -12.18 4.25
CA PRO A 23 18.18 -13.33 4.60
C PRO A 23 16.81 -13.20 3.96
N GLN A 24 16.17 -14.33 3.67
CA GLN A 24 14.84 -14.31 3.05
C GLN A 24 13.82 -13.80 4.06
N GLU A 25 13.24 -12.62 3.80
CA GLU A 25 12.28 -12.07 4.75
C GLU A 25 11.42 -11.00 4.08
N LEU A 26 10.29 -10.70 4.71
CA LEU A 26 9.42 -9.62 4.27
C LEU A 26 10.12 -8.31 4.53
N LEU A 27 10.30 -7.47 3.51
N LEU A 27 10.19 -7.51 3.48
CA LEU A 27 10.77 -6.10 3.76
CA LEU A 27 10.83 -6.21 3.51
C LEU A 27 9.62 -5.13 3.88
C LEU A 27 9.82 -5.06 3.62
N CYS A 28 8.66 -5.19 2.94
CA CYS A 28 7.64 -4.14 2.90
C CYS A 28 6.54 -4.62 2.00
N GLY A 29 5.43 -3.89 2.03
CA GLY A 29 4.43 -3.96 0.99
C GLY A 29 4.75 -2.99 -0.14
N ALA A 30 3.91 -3.08 -1.16
CA ALA A 30 4.01 -2.32 -2.40
C ALA A 30 2.74 -2.57 -3.19
N SER A 31 2.62 -1.93 -4.35
CA SER A 31 1.44 -2.11 -5.20
C SER A 31 1.81 -2.10 -6.67
N LEU A 32 1.00 -2.81 -7.46
CA LEU A 32 1.17 -2.92 -8.89
C LEU A 32 0.37 -1.84 -9.59
N ILE A 33 1.03 -0.98 -10.34
CA ILE A 33 0.34 0.09 -11.04
C ILE A 33 0.34 -0.07 -12.56
N SER A 34 1.10 -1.02 -13.09
CA SER A 34 1.07 -1.39 -14.51
C SER A 34 1.79 -2.71 -14.63
N ASP A 35 1.95 -3.25 -15.84
CA ASP A 35 2.62 -4.53 -15.96
C ASP A 35 4.13 -4.46 -15.69
N ARG A 36 4.69 -3.25 -15.55
CA ARG A 36 6.14 -3.10 -15.37
C ARG A 36 6.51 -2.21 -14.18
N TRP A 37 5.55 -1.61 -13.51
CA TRP A 37 5.83 -0.62 -12.45
C TRP A 37 5.14 -0.95 -11.14
N VAL A 38 5.92 -0.82 -10.07
CA VAL A 38 5.47 -1.08 -8.71
C VAL A 38 5.76 0.16 -7.87
N LEU A 39 4.79 0.52 -7.05
CA LEU A 39 4.86 1.69 -6.18
C LEU A 39 5.06 1.26 -4.74
N THR A 40 5.92 1.95 -4.01
CA THR A 40 6.13 1.66 -2.59
C THR A 40 6.52 2.94 -1.85
N ALA A 41 6.86 2.80 -0.57
CA ALA A 41 7.38 3.92 0.24
C ALA A 41 8.89 4.01 0.06
N ALA A 42 9.40 5.21 -0.07
CA ALA A 42 10.84 5.41 -0.11
C ALA A 42 11.53 4.80 1.09
N HIS A 43 10.94 4.92 2.28
CA HIS A 43 11.63 4.45 3.49
C HIS A 43 11.80 2.94 3.51
N CYS A 44 11.07 2.20 2.67
CA CYS A 44 11.28 0.77 2.53
C CYS A 44 12.63 0.45 1.91
N LEU A 45 13.15 1.38 1.13
CA LEU A 45 14.37 1.18 0.36
C LEU A 45 15.56 1.98 0.89
N LEU A 46 15.28 3.16 1.43
CA LEU A 46 16.32 4.10 1.85
C LEU A 46 15.95 4.72 3.17
N TYR A 47 16.72 4.40 4.20
CA TYR A 47 16.50 4.99 5.51
C TYR A 47 17.83 4.95 6.27
N PRO A 48 18.67 5.98 6.03
CA PRO A 48 20.02 6.02 6.61
C PRO A 48 20.09 5.90 8.13
N PRO A 49 19.15 6.40 8.89
CA PRO A 49 19.26 6.24 10.35
C PRO A 49 19.29 4.78 10.79
N TRP A 50 18.74 3.89 9.96
CA TRP A 50 18.72 2.45 10.24
C TRP A 50 19.71 1.69 9.33
N ASP A 51 20.62 2.40 8.67
CA ASP A 51 21.60 1.83 7.77
C ASP A 51 20.93 1.03 6.66
N LYS A 52 19.79 1.54 6.19
CA LYS A 52 19.03 0.88 5.13
C LYS A 52 19.25 1.61 3.81
N ASN A 53 19.77 0.89 2.83
CA ASN A 53 19.97 1.45 1.49
C ASN A 53 20.05 0.31 0.52
N PHE A 54 18.89 -0.22 0.13
CA PHE A 54 18.85 -1.38 -0.71
C PHE A 54 19.13 -1.03 -2.17
N THR A 55 19.83 -1.93 -2.86
CA THR A 55 20.02 -1.83 -4.30
C THR A 55 19.09 -2.85 -4.99
N GLU A 56 18.94 -2.73 -6.31
CA GLU A 56 18.00 -3.55 -7.05
C GLU A 56 18.22 -5.04 -6.83
N ASN A 57 19.48 -5.47 -6.80
CA ASN A 57 19.77 -6.89 -6.73
C ASN A 57 19.55 -7.50 -5.34
N ASP A 58 19.24 -6.66 -4.36
CA ASP A 58 19.01 -7.13 -2.99
C ASP A 58 17.63 -7.73 -2.81
N LEU A 59 16.72 -7.44 -3.74
CA LEU A 59 15.30 -7.60 -3.49
C LEU A 59 14.61 -8.31 -4.62
N LEU A 60 13.45 -8.89 -4.29
CA LEU A 60 12.53 -9.39 -5.30
C LEU A 60 11.16 -8.83 -5.02
N VAL A 61 10.33 -8.81 -6.05
CA VAL A 61 8.93 -8.51 -5.83
CA VAL A 61 8.93 -8.48 -5.95
C VAL A 61 8.10 -9.75 -6.10
N ARG A 62 7.16 -10.00 -5.19
CA ARG A 62 6.30 -11.18 -5.26
C ARG A 62 4.86 -10.68 -5.39
N ILE A 63 4.21 -11.07 -6.48
CA ILE A 63 2.94 -10.53 -6.90
C ILE A 63 1.92 -11.66 -6.94
N GLY A 64 0.66 -11.38 -6.58
CA GLY A 64 -0.37 -12.40 -6.59
C GLY A 64 -0.46 -13.20 -5.33
N LYS A 65 0.20 -12.75 -4.27
CA LYS A 65 0.26 -13.55 -3.06
C LYS A 65 -0.95 -13.40 -2.16
N HIS A 66 -1.12 -14.42 -1.35
CA HIS A 66 -2.12 -14.45 -0.33
C HIS A 66 -1.46 -14.91 0.98
N SER A 67 -0.93 -16.12 0.98
CA SER A 67 -0.12 -16.58 2.10
C SER A 67 1.12 -15.71 2.30
N ARG A 68 1.48 -15.41 3.54
CA ARG A 68 2.68 -14.65 3.83
C ARG A 68 3.93 -15.44 3.48
N THR A 69 4.02 -16.67 3.97
CA THR A 69 5.31 -17.38 3.97
C THR A 69 5.44 -18.47 2.93
N ARG A 70 4.30 -18.94 2.39
N ARG A 70 4.35 -18.96 2.39
CA ARG A 70 4.27 -20.01 1.39
CA ARG A 70 4.46 -20.12 1.55
C ARG A 70 4.81 -19.55 0.06
C ARG A 70 4.67 -19.66 0.10
N TYR A 71 5.41 -20.47 -0.67
CA TYR A 71 5.65 -20.25 -2.10
C TYR A 71 4.38 -20.72 -2.82
N GLU A 72 3.63 -19.78 -3.40
CA GLU A 72 2.30 -20.06 -3.89
C GLU A 72 2.38 -20.45 -5.34
N ARG A 73 2.81 -21.70 -5.50
CA ARG A 73 3.06 -22.26 -6.78
C ARG A 73 1.83 -22.13 -7.69
N ASN A 74 2.08 -21.70 -8.92
CA ASN A 74 1.06 -21.53 -9.98
C ASN A 74 0.14 -20.31 -9.77
N ILE A 75 0.40 -19.53 -8.74
CA ILE A 75 -0.41 -18.36 -8.42
C ILE A 75 0.44 -17.10 -8.33
N GLU A 76 1.41 -17.06 -7.42
CA GLU A 76 2.27 -15.89 -7.35
C GLU A 76 3.26 -15.88 -8.48
N LYS A 77 3.72 -14.69 -8.82
CA LYS A 77 4.80 -14.47 -9.77
C LYS A 77 5.86 -13.62 -9.11
N ILE A 78 7.10 -13.97 -9.39
CA ILE A 78 8.26 -13.34 -8.79
C ILE A 78 9.05 -12.60 -9.84
N SER A 79 9.26 -11.31 -9.62
CA SER A 79 9.91 -10.42 -10.56
C SER A 79 11.19 -9.84 -9.99
N MET A 80 12.17 -9.66 -10.87
CA MET A 80 13.40 -8.96 -10.51
C MET A 80 13.28 -7.49 -10.85
N LEU A 81 14.06 -6.67 -10.15
CA LEU A 81 14.02 -5.23 -10.36
CA LEU A 81 14.03 -5.23 -10.33
C LEU A 81 15.05 -4.77 -11.36
N GLU A 82 14.58 -3.96 -12.32
CA GLU A 82 15.48 -3.29 -13.22
C GLU A 82 16.06 -2.02 -12.59
N LYS A 83 15.22 -1.22 -11.95
CA LYS A 83 15.69 0.07 -11.43
C LYS A 83 14.74 0.58 -10.36
N ILE A 84 15.32 1.14 -9.32
CA ILE A 84 14.61 1.87 -8.27
C ILE A 84 14.72 3.37 -8.50
N TYR A 85 13.61 4.09 -8.30
CA TYR A 85 13.57 5.55 -8.37
C TYR A 85 12.94 6.09 -7.09
N ILE A 86 13.73 6.81 -6.31
CA ILE A 86 13.21 7.40 -5.09
CA ILE A 86 13.31 7.42 -5.06
C ILE A 86 12.96 8.89 -5.33
N HIS A 87 11.90 9.41 -4.73
CA HIS A 87 11.60 10.82 -4.93
C HIS A 87 12.83 11.66 -4.54
N PRO A 88 13.25 12.63 -5.37
CA PRO A 88 14.47 13.38 -5.08
C PRO A 88 14.36 14.28 -3.87
N ARG A 89 13.15 14.57 -3.41
CA ARG A 89 12.95 15.37 -2.21
C ARG A 89 12.35 14.58 -1.06
N TYR A 90 12.47 13.25 -1.10
CA TYR A 90 12.14 12.43 0.06
C TYR A 90 12.99 12.87 1.26
N ASN A 91 12.29 13.18 2.34
CA ASN A 91 12.93 13.73 3.55
C ASN A 91 13.08 12.66 4.61
N TRP A 92 14.13 11.88 4.48
CA TRP A 92 14.43 10.85 5.49
C TRP A 92 15.02 11.44 6.74
N ARG A 93 15.52 12.68 6.66
CA ARG A 93 16.20 13.29 7.80
CA ARG A 93 16.21 13.29 7.79
C ARG A 93 15.24 13.65 8.90
N GLU A 94 14.04 14.08 8.53
CA GLU A 94 13.10 14.66 9.47
C GLU A 94 11.80 13.87 9.67
N ASN A 95 10.93 13.86 8.68
CA ASN A 95 9.55 13.43 8.91
C ASN A 95 9.00 12.52 7.82
N LEU A 96 9.85 12.00 6.95
CA LEU A 96 9.46 11.13 5.84
C LEU A 96 8.54 11.87 4.86
N ASP A 97 8.69 13.18 4.74
CA ASP A 97 7.96 13.90 3.70
C ASP A 97 8.29 13.31 2.31
N ARG A 98 7.27 13.18 1.48
CA ARG A 98 7.42 12.65 0.12
C ARG A 98 7.95 11.21 0.13
N ASP A 99 7.29 10.39 0.93
CA ASP A 99 7.72 9.00 1.17
C ASP A 99 7.20 8.09 0.05
N ILE A 100 7.88 8.12 -1.08
CA ILE A 100 7.40 7.47 -2.30
C ILE A 100 8.59 7.03 -3.15
N ALA A 101 8.45 5.86 -3.76
CA ALA A 101 9.44 5.30 -4.65
C ALA A 101 8.73 4.42 -5.67
N LEU A 102 9.35 4.33 -6.85
CA LEU A 102 8.92 3.45 -7.90
C LEU A 102 9.98 2.40 -8.17
N MET A 103 9.55 1.22 -8.63
CA MET A 103 10.44 0.16 -9.07
C MET A 103 9.96 -0.30 -10.43
N LYS A 104 10.88 -0.32 -11.40
CA LYS A 104 10.60 -0.86 -12.71
C LYS A 104 11.06 -2.31 -12.74
N LEU A 105 10.19 -3.19 -13.20
CA LEU A 105 10.50 -4.62 -13.27
C LEU A 105 11.30 -4.94 -14.51
N LYS A 106 12.12 -5.99 -14.43
CA LYS A 106 12.90 -6.39 -15.59
C LYS A 106 12.05 -6.86 -16.77
N LYS A 107 10.95 -7.53 -16.46
CA LYS A 107 10.04 -8.04 -17.49
C LYS A 107 8.62 -7.75 -17.06
N PRO A 108 7.70 -7.61 -18.02
CA PRO A 108 6.31 -7.41 -17.61
C PRO A 108 5.73 -8.62 -16.88
N VAL A 109 4.89 -8.39 -15.89
CA VAL A 109 4.22 -9.49 -15.20
C VAL A 109 2.91 -9.79 -15.92
N ALA A 110 2.56 -11.07 -16.01
CA ALA A 110 1.30 -11.46 -16.66
C ALA A 110 0.15 -11.28 -15.68
N PHE A 111 -0.91 -10.62 -16.12
CA PHE A 111 -2.08 -10.44 -15.27
C PHE A 111 -2.85 -11.75 -15.18
N SER A 112 -3.61 -11.90 -14.11
CA SER A 112 -4.37 -13.12 -13.85
C SER A 112 -5.51 -12.78 -12.90
N ASP A 113 -6.23 -13.79 -12.45
CA ASP A 113 -7.24 -13.57 -11.43
C ASP A 113 -6.67 -12.95 -10.17
N TYR A 114 -5.38 -13.17 -9.93
CA TYR A 114 -4.71 -12.80 -8.66
C TYR A 114 -3.80 -11.58 -8.79
N ILE A 115 -3.59 -11.14 -10.02
CA ILE A 115 -2.59 -10.12 -10.36
C ILE A 115 -3.23 -9.10 -11.31
N HIS A 116 -3.40 -7.86 -10.85
CA HIS A 116 -4.09 -6.85 -11.64
C HIS A 116 -3.75 -5.48 -11.06
N PRO A 117 -3.49 -4.46 -11.89
CA PRO A 117 -3.11 -3.14 -11.36
CA PRO A 117 -3.10 -3.14 -11.35
C PRO A 117 -4.24 -2.34 -10.74
N VAL A 118 -3.85 -1.51 -9.78
CA VAL A 118 -4.75 -0.51 -9.18
C VAL A 118 -4.64 0.78 -9.99
N CYS A 119 -5.69 1.60 -9.96
CA CYS A 119 -5.62 2.92 -10.59
C CYS A 119 -4.95 3.94 -9.69
N LEU A 120 -4.31 4.92 -10.30
CA LEU A 120 -3.87 6.10 -9.60
C LEU A 120 -4.86 7.23 -9.79
N PRO A 121 -5.11 8.02 -8.75
CA PRO A 121 -6.15 9.04 -8.83
C PRO A 121 -5.80 10.22 -9.71
N ASP A 122 -6.83 10.74 -10.37
CA ASP A 122 -6.90 12.02 -11.02
CA ASP A 122 -6.68 12.06 -10.95
C ASP A 122 -7.19 13.10 -9.96
N ARG A 123 -7.07 14.38 -10.33
CA ARG A 123 -7.36 15.45 -9.38
C ARG A 123 -8.79 15.39 -8.86
N GLU A 124 -9.72 15.08 -9.77
CA GLU A 124 -11.13 15.05 -9.44
C GLU A 124 -11.51 13.92 -8.48
N THR A 125 -11.02 12.73 -8.76
CA THR A 125 -11.28 11.62 -7.86
C THR A 125 -10.66 11.90 -6.48
N ALA A 126 -9.45 12.45 -6.44
CA ALA A 126 -8.83 12.78 -5.17
C ALA A 126 -9.65 13.83 -4.41
N ALA A 127 -10.09 14.88 -5.10
CA ALA A 127 -10.87 15.91 -4.44
C ALA A 127 -12.15 15.33 -3.84
N SER A 128 -12.79 14.45 -4.60
CA SER A 128 -14.06 13.90 -4.16
CA SER A 128 -14.06 13.87 -4.19
CA SER A 128 -14.05 13.85 -4.22
C SER A 128 -13.93 12.90 -3.03
N LEU A 129 -12.87 12.12 -3.02
CA LEU A 129 -12.76 11.04 -2.05
C LEU A 129 -11.91 11.31 -0.84
N LEU A 130 -10.94 12.22 -0.93
CA LEU A 130 -10.07 12.48 0.22
C LEU A 130 -10.67 13.46 1.18
N GLN A 131 -11.66 13.00 1.92
CA GLN A 131 -12.46 13.80 2.84
C GLN A 131 -12.50 13.08 4.17
N ALA A 132 -12.45 13.87 5.24
CA ALA A 132 -12.55 13.31 6.57
C ALA A 132 -13.82 12.50 6.71
N GLY A 133 -13.67 11.31 7.28
CA GLY A 133 -14.76 10.37 7.48
C GLY A 133 -14.89 9.32 6.39
N TYR A 134 -14.45 9.65 5.19
CA TYR A 134 -14.49 8.68 4.10
C TYR A 134 -13.46 7.59 4.40
N LYS A 135 -13.84 6.33 4.18
CA LYS A 135 -12.97 5.22 4.53
C LYS A 135 -12.21 4.70 3.31
N GLY A 136 -10.96 4.31 3.57
CA GLY A 136 -10.17 3.53 2.65
C GLY A 136 -9.79 2.21 3.28
N ARG A 137 -9.02 1.44 2.53
CA ARG A 137 -8.67 0.08 2.89
C ARG A 137 -7.17 -0.08 2.79
N VAL A 138 -6.60 -0.66 3.85
CA VAL A 138 -5.17 -0.92 3.94
C VAL A 138 -4.97 -2.41 4.06
N THR A 139 -3.94 -2.92 3.36
CA THR A 139 -3.66 -4.34 3.31
C THR A 139 -2.16 -4.57 3.54
N GLY A 140 -1.83 -5.71 4.13
CA GLY A 140 -0.45 -6.09 4.28
C GLY A 140 -0.24 -7.33 5.10
N TRP A 141 1.02 -7.74 5.11
CA TRP A 141 1.48 -8.90 5.87
C TRP A 141 2.30 -8.53 7.09
N GLY A 142 2.19 -7.30 7.55
CA GLY A 142 2.96 -6.84 8.71
C GLY A 142 2.38 -7.36 10.00
N ASN A 143 2.99 -6.90 11.08
CA ASN A 143 2.65 -7.38 12.42
C ASN A 143 1.20 -7.23 12.80
N LEU A 144 0.71 -8.20 13.56
CA LEU A 144 -0.66 -8.18 14.03
C LEU A 144 -0.82 -7.33 15.28
N LYS A 145 0.30 -7.02 15.95
CA LYS A 145 0.30 -6.21 17.17
C LYS A 145 1.58 -5.40 17.22
N GLU A 146 1.53 -4.28 17.91
CA GLU A 146 2.72 -3.45 18.07
C GLU A 146 3.90 -4.24 18.65
N THR A 147 3.61 -5.03 19.68
CA THR A 147 4.64 -5.77 20.40
C THR A 147 4.26 -7.25 20.45
N TRP A 148 3.11 -7.56 20.77
N GLY A 155 1.38 -12.56 16.49
CA GLY A 155 2.58 -11.93 15.98
C GLY A 155 2.48 -11.57 14.50
N GLN A 156 2.72 -12.56 13.63
CA GLN A 156 2.71 -12.36 12.19
C GLN A 156 1.60 -13.20 11.55
N PRO A 157 0.96 -12.68 10.50
CA PRO A 157 -0.19 -13.40 9.94
C PRO A 157 0.12 -14.54 8.98
N SER A 158 -0.76 -15.54 8.93
CA SER A 158 -0.65 -16.57 7.91
C SER A 158 -0.93 -16.05 6.52
N VAL A 159 -1.91 -15.15 6.37
CA VAL A 159 -2.30 -14.64 5.05
C VAL A 159 -2.49 -13.12 5.14
N LEU A 160 -2.58 -12.52 3.97
CA LEU A 160 -2.76 -11.10 3.82
C LEU A 160 -3.91 -10.60 4.67
N GLN A 161 -3.68 -9.50 5.39
CA GLN A 161 -4.68 -8.88 6.24
C GLN A 161 -5.23 -7.60 5.60
N VAL A 162 -6.44 -7.25 5.99
CA VAL A 162 -7.16 -6.10 5.47
CA VAL A 162 -7.20 -6.13 5.46
C VAL A 162 -7.88 -5.39 6.61
N VAL A 163 -7.88 -4.06 6.55
CA VAL A 163 -8.66 -3.26 7.46
C VAL A 163 -9.13 -2.01 6.72
N ASN A 164 -10.36 -1.59 7.02
CA ASN A 164 -10.94 -0.38 6.50
C ASN A 164 -10.88 0.70 7.57
N LEU A 165 -10.43 1.92 7.22
CA LEU A 165 -10.19 2.97 8.20
C LEU A 165 -10.60 4.33 7.63
N PRO A 166 -11.19 5.18 8.46
CA PRO A 166 -11.60 6.51 8.02
C PRO A 166 -10.46 7.53 7.96
N ILE A 167 -10.47 8.36 6.93
CA ILE A 167 -9.59 9.51 6.85
C ILE A 167 -9.94 10.47 7.98
N VAL A 168 -8.92 11.08 8.58
CA VAL A 168 -9.09 11.93 9.75
C VAL A 168 -8.84 13.38 9.35
N GLU A 169 -9.56 14.29 9.99
CA GLU A 169 -9.40 15.70 9.80
C GLU A 169 -7.95 16.13 10.06
N ARG A 170 -7.42 17.00 9.21
CA ARG A 170 -6.03 17.39 9.33
CA ARG A 170 -6.02 17.41 9.33
C ARG A 170 -5.63 17.98 10.70
N PRO A 171 -6.49 18.83 11.31
CA PRO A 171 -6.10 19.34 12.64
C PRO A 171 -5.96 18.22 13.69
N VAL A 172 -6.80 17.20 13.60
CA VAL A 172 -6.72 16.07 14.52
C VAL A 172 -5.43 15.28 14.27
N CYS A 173 -5.12 15.04 12.99
CA CYS A 173 -3.85 14.42 12.66
C CYS A 173 -2.68 15.20 13.30
N LYS A 174 -2.67 16.50 13.08
CA LYS A 174 -1.57 17.30 13.57
CA LYS A 174 -1.61 17.38 13.55
C LYS A 174 -1.48 17.32 15.08
N ASP A 175 -2.62 17.37 15.75
CA ASP A 175 -2.65 17.44 17.21
C ASP A 175 -2.36 16.13 17.89
N SER A 176 -2.21 15.06 17.13
CA SER A 176 -1.94 13.72 17.67
C SER A 176 -0.46 13.42 17.83
N THR A 177 0.40 14.32 17.34
CA THR A 177 1.83 14.04 17.20
C THR A 177 2.63 15.31 17.39
N ARG A 178 3.92 15.15 17.72
CA ARG A 178 4.89 16.24 17.72
C ARG A 178 5.58 16.39 16.38
N ILE A 179 5.44 15.40 15.49
CA ILE A 179 6.07 15.46 14.19
C ILE A 179 5.40 16.50 13.32
N ARG A 180 6.18 17.18 12.50
CA ARG A 180 5.65 18.15 11.55
C ARG A 180 4.95 17.40 10.40
N ILE A 181 3.67 17.63 10.26
CA ILE A 181 2.88 16.97 9.20
C ILE A 181 2.83 17.88 7.99
N THR A 182 2.98 17.34 6.80
CA THR A 182 2.97 18.13 5.59
C THR A 182 1.76 17.80 4.73
N ASP A 183 1.54 18.61 3.69
CA ASP A 183 0.47 18.41 2.73
C ASP A 183 0.66 17.12 1.91
N ASN A 184 1.86 16.54 1.94
CA ASN A 184 2.14 15.29 1.25
C ASN A 184 1.80 14.07 2.07
N MET A 185 1.13 14.27 3.21
CA MET A 185 0.70 13.19 4.09
C MET A 185 -0.77 13.37 4.40
N PHE A 186 -1.44 12.28 4.70
CA PHE A 186 -2.73 12.32 5.38
C PHE A 186 -2.74 11.25 6.46
N CYS A 187 -3.69 11.32 7.39
CA CYS A 187 -3.78 10.29 8.42
C CYS A 187 -5.16 9.66 8.44
N ALA A 188 -5.21 8.44 8.95
CA ALA A 188 -6.45 7.66 8.98
C ALA A 188 -6.45 6.76 10.20
N GLY A 189 -7.64 6.42 10.65
CA GLY A 189 -7.85 5.61 11.83
C GLY A 189 -9.03 6.07 12.63
N TYR A 190 -9.48 5.24 13.54
CA TYR A 190 -10.57 5.61 14.44
C TYR A 190 -10.07 6.43 15.61
N LYS A 191 -10.95 7.28 16.11
CA LYS A 191 -10.68 8.03 17.33
C LYS A 191 -10.98 7.15 18.54
N PRO A 192 -10.40 7.46 19.70
CA PRO A 192 -10.68 6.64 20.89
C PRO A 192 -12.18 6.51 21.19
N ASP A 193 -12.93 7.59 20.99
CA ASP A 193 -14.34 7.59 21.30
C ASP A 193 -15.19 6.85 20.25
N GLU A 194 -14.55 6.42 19.16
CA GLU A 194 -15.30 5.78 18.08
C GLU A 194 -15.42 4.27 18.27
N GLY A 195 -14.76 3.70 19.28
CA GLY A 195 -14.93 2.28 19.57
C GLY A 195 -14.10 1.32 18.69
N LYS A 196 -14.37 1.32 17.38
CA LYS A 196 -13.67 0.47 16.42
C LYS A 196 -12.20 0.81 16.42
N ARG A 197 -11.40 -0.12 15.91
CA ARG A 197 -9.94 0.03 15.97
C ARG A 197 -9.33 -0.42 14.65
N GLY A 198 -8.00 -0.39 14.60
CA GLY A 198 -7.27 -0.87 13.45
C GLY A 198 -6.20 0.08 13.00
N ASP A 199 -5.12 -0.48 12.46
CA ASP A 199 -4.00 0.32 11.96
C ASP A 199 -3.11 -0.58 11.15
N ALA A 200 -2.29 0.04 10.33
CA ALA A 200 -1.12 -0.62 9.79
C ALA A 200 -0.08 -0.79 10.88
N CYS A 201 0.93 -1.60 10.62
CA CYS A 201 2.01 -1.82 11.58
C CYS A 201 3.28 -2.16 10.83
N GLU A 202 4.37 -2.41 11.58
CA GLU A 202 5.64 -2.77 10.96
C GLU A 202 5.48 -3.93 9.98
N GLY A 203 6.04 -3.75 8.80
CA GLY A 203 5.93 -4.71 7.71
C GLY A 203 4.85 -4.35 6.71
N ASP A 204 3.91 -3.49 7.08
CA ASP A 204 2.90 -3.02 6.15
C ASP A 204 3.35 -1.80 5.34
N SER A 205 4.42 -1.13 5.79
CA SER A 205 5.00 0.00 5.09
C SER A 205 5.08 -0.25 3.61
N GLY A 206 4.76 0.77 2.85
CA GLY A 206 4.86 0.68 1.42
C GLY A 206 3.63 0.15 0.71
N GLY A 207 2.74 -0.51 1.46
CA GLY A 207 1.52 -1.00 0.88
C GLY A 207 0.47 0.08 0.65
N PRO A 208 -0.61 -0.32 -0.01
CA PRO A 208 -1.58 0.67 -0.48
C PRO A 208 -2.72 0.94 0.50
N PHE A 209 -3.17 2.19 0.48
CA PHE A 209 -4.45 2.67 1.03
C PHE A 209 -5.32 2.95 -0.18
N VAL A 210 -6.39 2.18 -0.36
CA VAL A 210 -7.20 2.25 -1.55
C VAL A 210 -8.62 2.65 -1.22
N MET A 211 -9.30 3.22 -2.21
CA MET A 211 -10.72 3.63 -2.09
C MET A 211 -11.41 3.19 -3.36
N LYS A 212 -12.67 2.75 -3.24
CA LYS A 212 -13.44 2.34 -4.41
C LYS A 212 -14.33 3.48 -4.85
N SER A 213 -14.03 4.05 -6.00
CA SER A 213 -14.83 5.18 -6.44
C SER A 213 -16.29 4.80 -6.61
N PRO A 214 -17.22 5.58 -6.03
CA PRO A 214 -18.64 5.29 -6.24
C PRO A 214 -19.15 5.83 -7.59
N PHE A 215 -18.30 6.58 -8.30
CA PHE A 215 -18.61 7.13 -9.60
C PHE A 215 -18.41 6.14 -10.72
N ASN A 216 -17.32 5.36 -10.66
CA ASN A 216 -16.99 4.46 -11.73
C ASN A 216 -16.66 3.03 -11.28
N ASN A 217 -16.80 2.69 -10.00
N ASN A 217 -16.78 2.81 -9.96
CA ASN A 217 -16.66 1.25 -9.62
CA ASN A 217 -16.63 1.49 -9.34
C ASN A 217 -15.20 0.79 -9.52
C ASN A 217 -15.28 0.86 -9.64
N ARG A 218 -14.25 1.70 -9.71
CA ARG A 218 -12.84 1.30 -9.78
C ARG A 218 -12.13 1.62 -8.47
N TRP A 219 -11.14 0.80 -8.15
CA TRP A 219 -10.27 1.04 -7.01
C TRP A 219 -9.10 1.94 -7.39
N TYR A 220 -8.88 2.94 -6.52
CA TYR A 220 -7.83 3.93 -6.65
C TYR A 220 -6.93 3.87 -5.43
N GLN A 221 -5.64 3.98 -5.67
CA GLN A 221 -4.68 4.07 -4.56
C GLN A 221 -4.43 5.54 -4.18
N MET A 222 -4.99 5.91 -3.04
CA MET A 222 -4.90 7.27 -2.55
C MET A 222 -3.68 7.47 -1.64
N GLY A 223 -3.23 6.42 -0.98
CA GLY A 223 -2.13 6.54 -0.02
C GLY A 223 -1.16 5.39 -0.10
N ILE A 224 -0.02 5.59 0.55
CA ILE A 224 1.00 4.56 0.77
C ILE A 224 1.24 4.53 2.28
N VAL A 225 1.24 3.34 2.88
CA VAL A 225 1.57 3.20 4.31
C VAL A 225 2.95 3.79 4.56
N SER A 226 3.01 4.85 5.38
CA SER A 226 4.25 5.60 5.58
C SER A 226 4.81 5.51 6.99
N TRP A 227 4.07 5.91 8.01
CA TRP A 227 4.63 5.90 9.37
C TRP A 227 3.53 5.95 10.39
N GLY A 228 3.91 5.63 11.62
CA GLY A 228 3.03 5.74 12.74
C GLY A 228 3.85 5.61 14.03
N GLU A 229 3.26 6.07 15.13
CA GLU A 229 3.90 6.01 16.43
CA GLU A 229 3.88 6.03 16.44
C GLU A 229 3.30 4.82 17.17
N GLY A 230 4.04 3.73 17.20
CA GLY A 230 3.48 2.45 17.64
C GLY A 230 2.49 1.95 16.59
N CYS A 231 1.58 1.11 17.02
CA CYS A 231 0.50 0.62 16.11
C CYS A 231 -0.79 0.50 16.89
N ASP A 232 -1.88 1.01 16.33
CA ASP A 232 -3.21 0.93 16.92
C ASP A 232 -3.27 1.51 18.34
N ARG A 233 -2.49 2.54 18.63
CA ARG A 233 -2.56 3.19 19.94
C ARG A 233 -3.72 4.15 19.97
N ASP A 234 -4.44 4.22 21.10
CA ASP A 234 -5.48 5.21 21.26
C ASP A 234 -4.90 6.61 21.12
N GLY A 235 -5.55 7.42 20.29
CA GLY A 235 -5.17 8.79 20.08
C GLY A 235 -4.06 9.01 19.07
N LYS A 236 -3.49 7.93 18.55
CA LYS A 236 -2.55 8.01 17.44
C LYS A 236 -3.27 7.58 16.15
N TYR A 237 -2.70 7.94 15.00
CA TYR A 237 -3.25 7.64 13.68
C TYR A 237 -2.14 7.16 12.79
N GLY A 238 -2.48 6.36 11.80
CA GLY A 238 -1.51 6.01 10.79
C GLY A 238 -1.36 7.14 9.79
N PHE A 239 -0.14 7.36 9.33
CA PHE A 239 0.15 8.35 8.29
C PHE A 239 0.52 7.69 6.98
N TYR A 240 0.05 8.32 5.91
CA TYR A 240 0.06 7.80 4.56
C TYR A 240 0.56 8.86 3.62
N THR A 241 1.39 8.45 2.66
CA THR A 241 1.84 9.33 1.59
C THR A 241 0.64 9.67 0.71
N HIS A 242 0.49 10.96 0.41
CA HIS A 242 -0.62 11.47 -0.41
C HIS A 242 -0.25 11.28 -1.88
N VAL A 243 -0.73 10.18 -2.49
CA VAL A 243 -0.31 9.78 -3.83
C VAL A 243 -0.62 10.86 -4.87
N PHE A 244 -1.82 11.39 -4.86
CA PHE A 244 -2.18 12.40 -5.83
C PHE A 244 -1.23 13.60 -5.80
N ARG A 245 -0.86 14.06 -4.62
CA ARG A 245 0.02 15.20 -4.50
C ARG A 245 1.37 14.96 -5.15
N LEU A 246 1.76 13.70 -5.28
CA LEU A 246 3.07 13.35 -5.83
C LEU A 246 2.95 12.72 -7.22
N LYS A 247 1.77 12.83 -7.82
CA LYS A 247 1.55 12.13 -9.08
C LYS A 247 2.35 12.74 -10.25
N LYS A 248 2.62 14.04 -10.21
CA LYS A 248 3.41 14.62 -11.29
C LYS A 248 4.80 13.99 -11.32
N TRP A 249 5.37 13.68 -10.16
CA TRP A 249 6.65 13.00 -10.11
C TRP A 249 6.52 11.57 -10.68
N ILE A 250 5.48 10.86 -10.26
CA ILE A 250 5.25 9.53 -10.77
C ILE A 250 5.19 9.54 -12.30
N GLN A 251 4.43 10.46 -12.84
CA GLN A 251 4.25 10.51 -14.29
C GLN A 251 5.56 10.88 -14.99
N LYS A 252 6.34 11.78 -14.39
CA LYS A 252 7.62 12.19 -14.94
C LYS A 252 8.55 10.98 -15.06
N VAL A 253 8.61 10.17 -14.01
CA VAL A 253 9.46 8.99 -14.00
C VAL A 253 9.02 7.97 -15.04
N ILE A 254 7.73 7.67 -15.08
CA ILE A 254 7.25 6.69 -16.03
C ILE A 254 7.42 7.21 -17.47
N ASP A 255 7.18 8.50 -17.70
CA ASP A 255 7.31 9.07 -19.04
C ASP A 255 8.76 9.00 -19.51
N GLN A 256 9.69 9.25 -18.59
CA GLN A 256 11.10 9.33 -18.95
C GLN A 256 11.74 7.96 -19.08
N PHE A 257 11.31 7.01 -18.25
CA PHE A 257 12.01 5.73 -18.16
C PHE A 257 11.21 4.55 -18.65
N GLY A 258 9.98 4.78 -19.12
CA GLY A 258 9.23 3.75 -19.83
C GLY A 258 8.05 3.21 -19.06
N PHE B 3 9.87 -18.65 6.11
CA PHE B 3 9.51 -18.56 4.69
C PHE B 3 9.93 -19.81 3.91
N GLU B 4 9.02 -20.32 3.11
CA GLU B 4 9.31 -21.42 2.22
C GLU B 4 10.30 -20.99 1.13
N GLU B 5 11.24 -21.87 0.81
CA GLU B 5 12.20 -21.62 -0.25
C GLU B 5 11.48 -21.32 -1.56
N ILE B 6 11.98 -20.33 -2.30
CA ILE B 6 11.46 -20.05 -3.62
C ILE B 6 12.36 -20.73 -4.67
N PRO B 7 11.82 -21.00 -5.87
CA PRO B 7 12.62 -21.64 -6.91
C PRO B 7 13.93 -20.90 -7.18
N GLU B 8 14.98 -21.65 -7.42
CA GLU B 8 16.32 -21.09 -7.57
C GLU B 8 16.42 -20.13 -8.75
N GLU B 9 15.58 -20.34 -9.75
CA GLU B 9 15.60 -19.50 -10.95
C GLU B 9 15.46 -18.01 -10.61
N LEU B 11 16.69 -16.49 -7.95
CA LEU B 11 17.77 -15.95 -7.13
C LEU B 11 19.09 -15.84 -7.90
N GLN B 12 19.04 -16.14 -9.19
CA GLN B 12 20.26 -16.11 -10.00
C GLN B 12 20.46 -14.75 -10.65
N ALA C 2 -6.21 0.94 -18.98
CA ALA C 2 -7.63 1.18 -19.22
C ALA C 2 -8.50 0.30 -18.31
N ASP C 3 -7.96 -0.84 -17.90
CA ASP C 3 -8.67 -1.77 -17.05
C ASP C 3 -8.26 -1.71 -15.56
N CYS C 4 -7.58 -0.64 -15.16
CA CYS C 4 -7.09 -0.59 -13.81
C CYS C 4 -8.22 -0.62 -12.80
N GLY C 5 -7.94 -1.18 -11.63
CA GLY C 5 -8.83 -1.04 -10.51
C GLY C 5 -10.09 -1.89 -10.54
N LEU C 6 -10.19 -2.78 -11.52
CA LEU C 6 -11.32 -3.69 -11.66
C LEU C 6 -10.81 -5.09 -11.43
N ARG C 7 -11.27 -5.73 -10.35
CA ARG C 7 -10.69 -7.01 -9.93
C ARG C 7 -11.34 -8.17 -10.68
N PRO C 8 -10.55 -9.08 -11.21
CA PRO C 8 -11.11 -10.25 -11.89
C PRO C 8 -12.13 -11.04 -11.09
N LEU C 9 -11.89 -11.21 -9.79
CA LEU C 9 -12.76 -12.05 -8.99
C LEU C 9 -13.91 -11.29 -8.31
N PHE C 10 -13.99 -9.97 -8.56
CA PHE C 10 -15.04 -9.14 -7.96
C PHE C 10 -15.70 -8.32 -9.05
N GLU C 11 -15.24 -7.10 -9.31
CA GLU C 11 -15.93 -6.23 -10.27
C GLU C 11 -16.13 -6.90 -11.61
N LYS C 12 -15.15 -7.62 -12.13
CA LYS C 12 -15.29 -8.18 -13.47
C LYS C 12 -16.39 -9.20 -13.55
N LYS C 13 -16.78 -9.82 -12.45
CA LYS C 13 -17.84 -10.81 -12.42
C LYS C 13 -19.07 -10.33 -11.61
N SER C 14 -19.12 -9.02 -11.32
CA SER C 14 -20.19 -8.44 -10.51
C SER C 14 -20.40 -9.17 -9.17
N LEU C 15 -19.30 -9.49 -8.49
CA LEU C 15 -19.32 -9.98 -7.12
C LEU C 15 -18.72 -8.92 -6.21
N GLU C 16 -19.30 -8.76 -5.03
CA GLU C 16 -18.78 -7.82 -4.04
CA GLU C 16 -18.81 -7.82 -4.04
C GLU C 16 -18.05 -8.54 -2.94
N ASP C 17 -17.00 -7.92 -2.42
CA ASP C 17 -16.29 -8.47 -1.28
C ASP C 17 -17.05 -8.16 0.00
N LYS C 18 -16.61 -8.76 1.09
CA LYS C 18 -17.40 -8.74 2.31
C LYS C 18 -17.49 -7.40 2.99
N THR C 19 -16.60 -6.45 2.69
CA THR C 19 -16.60 -5.18 3.43
C THR C 19 -16.57 -3.93 2.54
N GLU C 20 -16.64 -4.06 1.22
CA GLU C 20 -16.60 -2.88 0.37
C GLU C 20 -17.81 -1.99 0.63
N ARG C 21 -18.93 -2.55 1.06
CA ARG C 21 -20.10 -1.75 1.36
C ARG C 21 -19.82 -0.76 2.49
N GLU C 22 -18.97 -1.12 3.46
CA GLU C 22 -18.60 -0.20 4.53
C GLU C 22 -17.94 1.06 3.94
N LEU C 23 -17.10 0.90 2.92
CA LEU C 23 -16.49 2.02 2.26
C LEU C 23 -17.57 2.88 1.61
N LEU C 24 -18.44 2.26 0.80
CA LEU C 24 -19.48 3.00 0.11
C LEU C 24 -20.35 3.79 1.08
N GLU C 25 -20.71 3.21 2.21
CA GLU C 25 -21.56 3.89 3.17
C GLU C 25 -20.90 5.11 3.77
N SER C 26 -19.58 5.14 3.79
CA SER C 26 -18.85 6.31 4.31
C SER C 26 -18.75 7.46 3.32
N TYR C 27 -19.10 7.21 2.05
CA TYR C 27 -18.92 8.21 1.00
C TYR C 27 -20.22 8.98 0.90
N ILE C 28 -20.38 9.93 1.82
CA ILE C 28 -21.69 10.51 2.04
C ILE C 28 -22.02 11.74 1.17
N ASP C 29 -21.25 11.97 0.09
CA ASP C 29 -21.59 12.95 -0.97
C ASP C 29 -22.05 12.23 -2.23
#